data_5UIY
#
_entry.id   5UIY
#
_cell.length_a   41.432
_cell.length_b   44.920
_cell.length_c   72.077
_cell.angle_alpha   105.11
_cell.angle_beta   89.95
_cell.angle_gamma   102.92
#
_symmetry.space_group_name_H-M   'P 1'
#
loop_
_entity.id
_entity.type
_entity.pdbx_description
1 polymer 'Bromodomain adjacent to zinc finger domain protein 1A'
2 non-polymer '4-(2-HYDROXYETHYL)-1-PIPERAZINE ETHANESULFONIC ACID'
3 water water
#
_entity_poly.entity_id   1
_entity_poly.type   'polypeptide(L)'
_entity_poly.pdbx_seq_one_letter_code
;GSSSGRQGGVHELSAFEQLVVELVRHDDSWPFLKLVSKIQVPDYYDIIKKPIALNIIREKVNKCEYKLASEFIDDIELMF
SNCFEYNPRNTSEAKAGTRLQAFFHIQAQKLGLHVT
;
_entity_poly.pdbx_strand_id   A,B,C,D
#
loop_
_chem_comp.id
_chem_comp.type
_chem_comp.name
_chem_comp.formula
EPE non-polymer '4-(2-HYDROXYETHYL)-1-PIPERAZINE ETHANESULFONIC ACID' 'C8 H18 N2 O4 S'
#
# COMPACT_ATOMS: atom_id res chain seq x y z
N GLY A 8 -27.48 -17.85 23.33
CA GLY A 8 -26.31 -17.42 24.08
C GLY A 8 -26.60 -17.33 25.56
N GLY A 9 -25.91 -18.15 26.35
CA GLY A 9 -26.10 -18.17 27.79
C GLY A 9 -25.34 -17.05 28.48
N VAL A 10 -25.66 -16.85 29.75
CA VAL A 10 -24.99 -15.85 30.58
C VAL A 10 -24.06 -16.55 31.58
N HIS A 11 -22.79 -16.16 31.59
CA HIS A 11 -21.80 -16.83 32.40
C HIS A 11 -20.92 -15.82 33.10
N GLU A 12 -20.14 -16.29 34.08
CA GLU A 12 -19.38 -15.39 34.95
C GLU A 12 -18.48 -14.44 34.16
N LEU A 13 -17.81 -14.96 33.14
CA LEU A 13 -16.85 -14.15 32.38
C LEU A 13 -17.42 -13.56 31.08
N SER A 14 -18.73 -13.67 30.88
CA SER A 14 -19.35 -13.25 29.63
C SER A 14 -19.03 -11.79 29.32
N ALA A 15 -19.13 -10.93 30.33
CA ALA A 15 -18.88 -9.51 30.11
C ALA A 15 -17.44 -9.23 29.71
N PHE A 16 -16.49 -9.90 30.34
CA PHE A 16 -15.07 -9.72 30.00
C PHE A 16 -14.85 -10.17 28.56
N GLU A 17 -15.38 -11.34 28.22
CA GLU A 17 -15.21 -11.89 26.89
C GLU A 17 -15.85 -10.98 25.84
N GLN A 18 -17.03 -10.48 26.15
CA GLN A 18 -17.75 -9.59 25.24
C GLN A 18 -16.98 -8.29 24.96
N LEU A 19 -16.40 -7.71 26.01
CA LEU A 19 -15.65 -6.46 25.84
C LEU A 19 -14.43 -6.68 24.95
N VAL A 20 -13.71 -7.78 25.16
CA VAL A 20 -12.56 -8.07 24.31
C VAL A 20 -12.96 -8.24 22.86
N VAL A 21 -14.02 -9.01 22.62
CA VAL A 21 -14.53 -9.17 21.26
C VAL A 21 -14.91 -7.84 20.60
N GLU A 22 -15.60 -6.98 21.35
CA GLU A 22 -15.99 -5.67 20.85
C GLU A 22 -14.77 -4.80 20.52
N LEU A 23 -13.72 -4.87 21.34
CA LEU A 23 -12.52 -4.07 21.07
C LEU A 23 -11.79 -4.59 19.82
N VAL A 24 -11.59 -5.90 19.73
CA VAL A 24 -10.96 -6.50 18.55
C VAL A 24 -11.67 -6.10 17.26
N ARG A 25 -12.99 -6.09 17.30
CA ARG A 25 -13.78 -5.82 16.08
C ARG A 25 -13.83 -4.36 15.67
N HIS A 26 -13.45 -3.47 16.58
CA HIS A 26 -13.47 -2.03 16.31
C HIS A 26 -12.32 -1.69 15.35
N ASP A 27 -12.58 -0.75 14.45
CA ASP A 27 -11.58 -0.37 13.44
C ASP A 27 -10.27 0.15 14.02
N ASP A 28 -10.32 0.72 15.23
CA ASP A 28 -9.16 1.36 15.81
C ASP A 28 -8.37 0.43 16.73
N SER A 29 -8.67 -0.86 16.67
CA SER A 29 -7.94 -1.81 17.50
C SER A 29 -6.60 -2.26 16.90
N TRP A 30 -6.35 -1.90 15.65
CA TRP A 30 -5.11 -2.37 14.99
C TRP A 30 -3.78 -2.15 15.75
N PRO A 31 -3.62 -1.04 16.52
CA PRO A 31 -2.35 -0.92 17.25
C PRO A 31 -2.20 -1.90 18.43
N PHE A 32 -3.20 -2.74 18.67
CA PHE A 32 -3.30 -3.47 19.94
C PHE A 32 -3.49 -4.98 19.82
N LEU A 33 -3.66 -5.49 18.62
CA LEU A 33 -4.05 -6.89 18.45
C LEU A 33 -3.01 -7.88 19.01
N LYS A 34 -1.74 -7.59 18.78
CA LYS A 34 -0.63 -8.43 19.21
C LYS A 34 0.52 -7.51 19.64
N LEU A 35 1.51 -8.05 20.33
CA LEU A 35 2.66 -7.23 20.71
C LEU A 35 3.44 -6.80 19.46
N VAL A 36 4.10 -5.65 19.55
CA VAL A 36 4.88 -5.18 18.41
C VAL A 36 6.14 -6.02 18.26
N SER A 37 6.66 -6.07 17.05
CA SER A 37 7.84 -6.85 16.74
C SER A 37 9.10 -6.04 17.05
N LYS A 38 10.02 -6.65 17.79
CA LYS A 38 11.28 -5.99 18.13
C LYS A 38 12.13 -5.73 16.88
N ILE A 39 11.80 -6.42 15.79
CA ILE A 39 12.44 -6.22 14.49
C ILE A 39 12.07 -4.86 13.89
N GLN A 40 10.80 -4.50 14.00
CA GLN A 40 10.33 -3.21 13.51
C GLN A 40 10.62 -2.09 14.50
N VAL A 41 10.52 -2.40 15.79
CA VAL A 41 10.72 -1.40 16.83
CA VAL A 41 10.72 -1.40 16.83
C VAL A 41 11.77 -1.85 17.85
N PRO A 42 13.05 -1.62 17.54
CA PRO A 42 14.16 -2.10 18.37
C PRO A 42 14.20 -1.57 19.80
N ASP A 43 13.68 -0.38 20.05
CA ASP A 43 13.77 0.21 21.38
C ASP A 43 12.51 0.04 22.24
N TYR A 44 11.47 -0.59 21.69
CA TYR A 44 10.19 -0.71 22.39
C TYR A 44 10.31 -1.40 23.74
N TYR A 45 11.05 -2.50 23.79
CA TYR A 45 11.10 -3.32 24.99
C TYR A 45 12.11 -2.81 26.03
N ASP A 46 12.88 -1.79 25.64
CA ASP A 46 13.73 -1.09 26.59
C ASP A 46 12.97 0.06 27.24
N ILE A 47 11.88 0.48 26.61
CA ILE A 47 11.06 1.58 27.09
C ILE A 47 9.83 1.09 27.83
N ILE A 48 9.14 0.12 27.23
CA ILE A 48 7.89 -0.39 27.79
C ILE A 48 8.18 -1.58 28.69
N LYS A 49 8.01 -1.39 29.99
CA LYS A 49 8.44 -2.36 30.99
C LYS A 49 7.49 -3.54 31.11
N LYS A 50 6.21 -3.30 30.86
CA LYS A 50 5.20 -4.36 30.96
C LYS A 50 4.32 -4.42 29.72
N PRO A 51 4.86 -4.95 28.62
CA PRO A 51 4.12 -5.03 27.37
C PRO A 51 2.89 -5.93 27.50
N ILE A 52 1.82 -5.56 26.81
CA ILE A 52 0.59 -6.33 26.81
C ILE A 52 -0.20 -5.96 25.55
N ALA A 53 -1.10 -6.84 25.13
CA ALA A 53 -1.94 -6.61 23.95
C ALA A 53 -3.21 -7.42 24.07
N LEU A 54 -4.13 -7.22 23.14
CA LEU A 54 -5.45 -7.84 23.20
C LEU A 54 -5.39 -9.36 23.09
N ASN A 55 -4.42 -9.90 22.36
CA ASN A 55 -4.31 -11.37 22.32
C ASN A 55 -3.97 -11.96 23.69
N ILE A 56 -3.06 -11.31 24.39
CA ILE A 56 -2.66 -11.73 25.73
C ILE A 56 -3.84 -11.61 26.70
N ILE A 57 -4.53 -10.48 26.65
CA ILE A 57 -5.69 -10.26 27.52
C ILE A 57 -6.80 -11.27 27.24
N ARG A 58 -7.10 -11.52 25.97
CA ARG A 58 -8.07 -12.57 25.63
C ARG A 58 -7.70 -13.92 26.24
N GLU A 59 -6.43 -14.31 26.15
CA GLU A 59 -6.01 -15.59 26.69
C GLU A 59 -6.11 -15.62 28.21
N LYS A 60 -5.82 -14.50 28.87
CA LYS A 60 -5.99 -14.46 30.32
C LYS A 60 -7.46 -14.65 30.72
N VAL A 61 -8.36 -14.12 29.91
CA VAL A 61 -9.79 -14.32 30.16
C VAL A 61 -10.12 -15.80 29.94
N ASN A 62 -9.66 -16.36 28.83
CA ASN A 62 -9.89 -17.77 28.54
C ASN A 62 -9.34 -18.68 29.62
N LYS A 63 -8.20 -18.30 30.19
CA LYS A 63 -7.54 -19.14 31.19
C LYS A 63 -7.98 -18.87 32.61
N CYS A 64 -9.05 -18.07 32.77
CA CYS A 64 -9.64 -17.78 34.07
C CYS A 64 -8.65 -17.17 35.07
N GLU A 65 -7.87 -16.20 34.59
CA GLU A 65 -6.80 -15.60 35.39
C GLU A 65 -7.21 -14.34 36.14
N TYR A 66 -8.36 -13.77 35.80
CA TYR A 66 -8.84 -12.56 36.47
C TYR A 66 -9.78 -12.89 37.61
N LYS A 67 -9.47 -12.36 38.78
CA LYS A 67 -10.34 -12.64 39.92
C LYS A 67 -11.37 -11.57 40.10
N LEU A 68 -11.06 -10.38 39.59
CA LEU A 68 -11.89 -9.21 39.77
C LEU A 68 -11.93 -8.41 38.49
N ALA A 69 -13.04 -7.72 38.26
CA ALA A 69 -13.17 -6.86 37.09
C ALA A 69 -12.06 -5.83 37.06
N SER A 70 -11.69 -5.32 38.24
CA SER A 70 -10.63 -4.32 38.35
C SER A 70 -9.27 -4.78 37.80
N GLU A 71 -9.00 -6.08 37.87
CA GLU A 71 -7.74 -6.62 37.36
C GLU A 71 -7.77 -6.63 35.84
N PHE A 72 -8.93 -7.00 35.30
CA PHE A 72 -9.16 -7.02 33.85
C PHE A 72 -9.08 -5.59 33.29
N ILE A 73 -9.81 -4.67 33.92
CA ILE A 73 -9.76 -3.26 33.53
C ILE A 73 -8.34 -2.69 33.59
N ASP A 74 -7.61 -3.06 34.64
CA ASP A 74 -6.25 -2.56 34.79
CA ASP A 74 -6.22 -2.60 34.81
C ASP A 74 -5.32 -3.03 33.66
N ASP A 75 -5.57 -4.23 33.14
CA ASP A 75 -4.76 -4.73 32.03
C ASP A 75 -5.04 -3.96 30.75
N ILE A 76 -6.29 -3.59 30.54
CA ILE A 76 -6.66 -2.80 29.37
CA ILE A 76 -6.69 -2.79 29.39
C ILE A 76 -6.11 -1.39 29.49
N GLU A 77 -6.17 -0.82 30.70
CA GLU A 77 -5.58 0.50 30.92
C GLU A 77 -4.07 0.50 30.71
N LEU A 78 -3.42 -0.60 31.09
CA LEU A 78 -1.98 -0.76 30.87
C LEU A 78 -1.68 -0.75 29.38
N MET A 79 -2.50 -1.47 28.62
CA MET A 79 -2.36 -1.54 27.17
C MET A 79 -2.42 -0.13 26.56
N PHE A 80 -3.39 0.67 26.99
CA PHE A 80 -3.49 2.05 26.49
C PHE A 80 -2.30 2.90 26.94
N SER A 81 -1.92 2.76 28.21
CA SER A 81 -0.80 3.53 28.76
CA SER A 81 -0.81 3.54 28.75
C SER A 81 0.50 3.30 28.00
N ASN A 82 0.78 2.04 27.66
CA ASN A 82 1.99 1.70 26.90
C ASN A 82 1.96 2.33 25.52
N CYS A 83 0.81 2.27 24.86
CA CYS A 83 0.65 2.86 23.55
C CYS A 83 0.95 4.36 23.59
N PHE A 84 0.33 5.09 24.50
CA PHE A 84 0.56 6.54 24.56
C PHE A 84 1.96 6.90 25.02
N GLU A 85 2.59 6.02 25.79
CA GLU A 85 3.97 6.24 26.21
C GLU A 85 4.94 6.15 25.04
N TYR A 86 4.75 5.15 24.18
CA TYR A 86 5.67 4.95 23.05
C TYR A 86 5.31 5.81 21.84
N ASN A 87 4.01 6.03 21.62
CA ASN A 87 3.55 6.75 20.42
C ASN A 87 3.02 8.15 20.73
N PRO A 88 3.72 9.20 20.27
CA PRO A 88 3.29 10.58 20.50
C PRO A 88 1.94 10.92 19.87
N ARG A 89 1.31 11.99 20.35
CA ARG A 89 -0.07 12.33 19.99
C ARG A 89 -0.37 12.44 18.50
N ASN A 90 0.66 12.80 17.72
CA ASN A 90 0.48 13.00 16.28
C ASN A 90 0.54 11.74 15.44
N THR A 91 0.74 10.58 16.07
CA THR A 91 0.85 9.33 15.31
C THR A 91 -0.51 8.70 15.07
N SER A 92 -0.63 7.91 13.99
CA SER A 92 -1.86 7.19 13.73
CA SER A 92 -1.88 7.21 13.74
C SER A 92 -2.22 6.27 14.90
N GLU A 93 -1.19 5.68 15.51
CA GLU A 93 -1.39 4.79 16.66
C GLU A 93 -2.09 5.50 17.81
N ALA A 94 -1.59 6.69 18.17
CA ALA A 94 -2.19 7.42 19.30
C ALA A 94 -3.59 7.92 18.96
N LYS A 95 -3.80 8.35 17.72
CA LYS A 95 -5.12 8.81 17.30
C LYS A 95 -6.15 7.67 17.37
N ALA A 96 -5.74 6.49 16.91
CA ALA A 96 -6.60 5.32 16.98
C ALA A 96 -6.83 4.92 18.44
N GLY A 97 -5.76 4.91 19.23
CA GLY A 97 -5.83 4.59 20.64
C GLY A 97 -6.76 5.52 21.42
N THR A 98 -6.75 6.80 21.07
CA THR A 98 -7.62 7.78 21.73
C THR A 98 -9.10 7.46 21.48
N ARG A 99 -9.45 7.15 20.24
CA ARG A 99 -10.82 6.77 19.92
C ARG A 99 -11.22 5.43 20.54
N LEU A 100 -10.32 4.44 20.48
CA LEU A 100 -10.62 3.12 21.01
C LEU A 100 -10.80 3.19 22.53
N GLN A 101 -10.02 4.04 23.17
CA GLN A 101 -10.08 4.19 24.63
C GLN A 101 -11.44 4.76 25.05
N ALA A 102 -11.94 5.72 24.30
CA ALA A 102 -13.30 6.23 24.53
C ALA A 102 -14.36 5.13 24.35
N PHE A 103 -14.21 4.36 23.27
CA PHE A 103 -15.11 3.25 22.99
C PHE A 103 -15.09 2.26 24.15
N PHE A 104 -13.88 1.98 24.64
CA PHE A 104 -13.69 1.10 25.81
C PHE A 104 -14.46 1.59 27.04
N HIS A 105 -14.34 2.86 27.36
CA HIS A 105 -15.03 3.41 28.52
C HIS A 105 -16.54 3.29 28.38
N ILE A 106 -17.04 3.62 27.21
CA ILE A 106 -18.47 3.61 26.91
C ILE A 106 -19.04 2.19 26.93
N GLN A 107 -18.35 1.27 26.27
CA GLN A 107 -18.83 -0.11 26.20
C GLN A 107 -18.70 -0.83 27.52
N ALA A 108 -17.62 -0.55 28.25
CA ALA A 108 -17.43 -1.16 29.56
C ALA A 108 -18.56 -0.80 30.50
N GLN A 109 -18.93 0.48 30.49
CA GLN A 109 -20.06 0.99 31.27
C GLN A 109 -21.33 0.22 30.95
N LYS A 110 -21.61 0.05 29.67
CA LYS A 110 -22.81 -0.67 29.24
C LYS A 110 -22.82 -2.12 29.72
N LEU A 111 -21.64 -2.70 29.88
CA LEU A 111 -21.52 -4.09 30.31
C LEU A 111 -21.45 -4.24 31.84
N GLY A 112 -21.52 -3.12 32.54
CA GLY A 112 -21.51 -3.13 34.00
C GLY A 112 -20.11 -3.16 34.60
N LEU A 113 -19.12 -2.79 33.79
CA LEU A 113 -17.73 -2.78 34.25
C LEU A 113 -17.28 -1.35 34.53
N HIS A 114 -16.93 -1.08 35.78
CA HIS A 114 -16.53 0.27 36.19
C HIS A 114 -15.13 0.27 36.77
N GLY B 9 12.03 6.49 17.28
CA GLY B 9 10.64 6.06 17.29
C GLY B 9 10.21 5.48 15.95
N VAL B 10 9.61 4.30 15.98
CA VAL B 10 9.12 3.66 14.77
C VAL B 10 7.61 3.43 14.85
N HIS B 11 6.88 3.94 13.86
CA HIS B 11 5.43 3.90 13.85
C HIS B 11 4.91 3.45 12.48
N GLU B 12 3.64 3.08 12.43
CA GLU B 12 3.08 2.44 11.23
C GLU B 12 3.32 3.28 9.98
N LEU B 13 3.21 4.59 10.11
CA LEU B 13 3.31 5.47 8.95
C LEU B 13 4.68 6.15 8.80
N SER B 14 5.67 5.70 9.57
CA SER B 14 6.96 6.36 9.60
C SER B 14 7.62 6.38 8.23
N ALA B 15 7.56 5.25 7.53
CA ALA B 15 8.15 5.13 6.20
C ALA B 15 7.53 6.10 5.21
N PHE B 16 6.20 6.22 5.24
CA PHE B 16 5.50 7.15 4.35
C PHE B 16 5.92 8.59 4.66
N GLU B 17 5.99 8.93 5.95
CA GLU B 17 6.34 10.30 6.31
C GLU B 17 7.79 10.63 5.94
N GLN B 18 8.71 9.70 6.17
CA GLN B 18 10.11 9.91 5.82
C GLN B 18 10.30 10.12 4.33
N LEU B 19 9.60 9.35 3.50
CA LEU B 19 9.72 9.49 2.06
C LEU B 19 9.24 10.86 1.62
N VAL B 20 8.10 11.31 2.17
CA VAL B 20 7.59 12.63 1.81
C VAL B 20 8.62 13.72 2.18
N VAL B 21 9.14 13.64 3.39
CA VAL B 21 10.15 14.59 3.87
C VAL B 21 11.38 14.61 2.96
N GLU B 22 11.85 13.41 2.59
CA GLU B 22 13.01 13.29 1.71
C GLU B 22 12.76 13.89 0.34
N LEU B 23 11.57 13.68 -0.21
CA LEU B 23 11.23 14.27 -1.51
C LEU B 23 11.13 15.80 -1.41
N VAL B 24 10.46 16.31 -0.37
CA VAL B 24 10.35 17.77 -0.21
C VAL B 24 11.73 18.46 -0.11
N ARG B 25 12.65 17.82 0.61
CA ARG B 25 13.97 18.42 0.84
C ARG B 25 14.93 18.35 -0.35
N HIS B 26 14.60 17.52 -1.33
CA HIS B 26 15.43 17.34 -2.52
C HIS B 26 15.32 18.59 -3.40
N ASP B 27 16.43 18.97 -4.03
CA ASP B 27 16.46 20.19 -4.85
C ASP B 27 15.48 20.17 -6.02
N ASP B 28 15.16 18.98 -6.52
CA ASP B 28 14.32 18.87 -7.69
C ASP B 28 12.84 18.68 -7.36
N SER B 29 12.44 18.93 -6.11
CA SER B 29 11.03 18.82 -5.76
C SER B 29 10.22 20.08 -6.10
N TRP B 30 10.90 21.13 -6.53
CA TRP B 30 10.19 22.39 -6.77
C TRP B 30 8.98 22.33 -7.72
N PRO B 31 9.00 21.45 -8.75
CA PRO B 31 7.77 21.42 -9.56
C PRO B 31 6.58 20.74 -8.87
N PHE B 32 6.73 20.30 -7.61
CA PHE B 32 5.75 19.40 -6.98
C PHE B 32 5.22 19.80 -5.61
N LEU B 33 5.71 20.92 -5.07
CA LEU B 33 5.40 21.25 -3.67
C LEU B 33 3.92 21.52 -3.44
N LYS B 34 3.30 22.25 -4.35
CA LYS B 34 1.88 22.57 -4.29
C LYS B 34 1.30 22.53 -5.70
N LEU B 35 -0.02 22.58 -5.81
CA LEU B 35 -0.65 22.62 -7.13
C LEU B 35 -0.28 23.91 -7.86
N VAL B 36 -0.20 23.85 -9.18
CA VAL B 36 0.06 25.05 -9.98
C VAL B 36 -1.15 25.97 -9.96
N SER B 37 -0.90 27.27 -10.13
CA SER B 37 -1.96 28.25 -10.10
C SER B 37 -2.74 28.29 -11.41
N LYS B 38 -4.06 28.27 -11.33
CA LYS B 38 -4.87 28.31 -12.54
C LYS B 38 -4.75 29.66 -13.23
N ILE B 39 -4.42 30.69 -12.46
CA ILE B 39 -4.16 32.01 -13.01
C ILE B 39 -2.93 31.97 -13.92
N GLN B 40 -1.86 31.32 -13.44
CA GLN B 40 -0.63 31.19 -14.21
C GLN B 40 -0.74 30.20 -15.37
N VAL B 41 -1.45 29.11 -15.14
CA VAL B 41 -1.56 28.07 -16.16
C VAL B 41 -3.02 27.74 -16.44
N PRO B 42 -3.67 28.57 -17.28
CA PRO B 42 -5.12 28.53 -17.49
C PRO B 42 -5.63 27.19 -18.03
N ASP B 43 -4.80 26.46 -18.76
CA ASP B 43 -5.28 25.22 -19.40
C ASP B 43 -4.94 23.95 -18.62
N TYR B 44 -4.12 24.09 -17.58
CA TYR B 44 -3.67 22.93 -16.81
C TYR B 44 -4.80 22.06 -16.29
N TYR B 45 -5.83 22.70 -15.74
CA TYR B 45 -6.92 21.96 -15.12
C TYR B 45 -7.95 21.45 -16.14
N ASP B 46 -7.73 21.79 -17.41
CA ASP B 46 -8.49 21.19 -18.49
C ASP B 46 -7.79 19.92 -18.98
N ILE B 47 -6.48 19.87 -18.80
CA ILE B 47 -5.67 18.76 -19.31
C ILE B 47 -5.49 17.66 -18.25
N ILE B 48 -5.07 18.08 -17.07
CA ILE B 48 -4.82 17.16 -15.96
C ILE B 48 -6.10 16.87 -15.19
N LYS B 49 -6.60 15.65 -15.30
CA LYS B 49 -7.89 15.28 -14.72
C LYS B 49 -7.82 15.10 -13.20
N LYS B 50 -6.69 14.60 -12.71
CA LYS B 50 -6.53 14.34 -11.28
C LYS B 50 -5.28 14.99 -10.69
N PRO B 51 -5.31 16.32 -10.51
CA PRO B 51 -4.17 17.05 -9.98
C PRO B 51 -3.80 16.60 -8.57
N ILE B 52 -2.51 16.56 -8.30
CA ILE B 52 -2.02 16.18 -6.97
C ILE B 52 -0.62 16.79 -6.79
N ALA B 53 -0.21 16.98 -5.55
CA ALA B 53 1.11 17.53 -5.27
C ALA B 53 1.56 17.03 -3.89
N LEU B 54 2.80 17.34 -3.52
CA LEU B 54 3.37 16.83 -2.28
C LEU B 54 2.66 17.34 -1.02
N ASN B 55 2.15 18.56 -1.05
CA ASN B 55 1.39 19.06 0.11
C ASN B 55 0.12 18.23 0.38
N ILE B 56 -0.59 17.90 -0.69
CA ILE B 56 -1.79 17.07 -0.61
C ILE B 56 -1.44 15.67 -0.11
N ILE B 57 -0.38 15.09 -0.66
CA ILE B 57 0.06 13.76 -0.26
C ILE B 57 0.47 13.76 1.22
N ARG B 58 1.24 14.75 1.64
CA ARG B 58 1.63 14.86 3.05
C ARG B 58 0.39 14.88 3.96
N GLU B 59 -0.62 15.64 3.57
CA GLU B 59 -1.82 15.73 4.39
C GLU B 59 -2.62 14.42 4.41
N LYS B 60 -2.61 13.70 3.29
CA LYS B 60 -3.27 12.38 3.29
C LYS B 60 -2.56 11.41 4.24
N VAL B 61 -1.24 11.50 4.33
CA VAL B 61 -0.52 10.68 5.29
C VAL B 61 -0.93 11.11 6.71
N ASN B 62 -0.88 12.41 6.96
CA ASN B 62 -1.24 12.98 8.26
C ASN B 62 -2.65 12.58 8.70
N LYS B 63 -3.57 12.54 7.76
CA LYS B 63 -4.96 12.22 8.08
C LYS B 63 -5.27 10.72 8.04
N CYS B 64 -4.23 9.90 7.96
CA CYS B 64 -4.37 8.43 7.94
C CYS B 64 -5.30 7.92 6.86
N GLU B 65 -5.15 8.45 5.64
CA GLU B 65 -6.03 8.10 4.52
C GLU B 65 -5.54 6.95 3.64
N TYR B 66 -4.31 6.50 3.86
CA TYR B 66 -3.78 5.41 3.02
C TYR B 66 -3.90 4.11 3.78
N LYS B 67 -4.54 3.12 3.16
CA LYS B 67 -4.71 1.82 3.81
C LYS B 67 -3.50 0.95 3.52
N LEU B 68 -2.90 1.18 2.35
CA LEU B 68 -1.82 0.34 1.85
C LEU B 68 -0.72 1.17 1.23
N ALA B 69 0.50 0.67 1.34
CA ALA B 69 1.66 1.33 0.74
C ALA B 69 1.42 1.59 -0.75
N SER B 70 0.74 0.66 -1.42
CA SER B 70 0.49 0.76 -2.85
C SER B 70 -0.39 1.97 -3.23
N GLU B 71 -1.24 2.39 -2.31
CA GLU B 71 -2.10 3.56 -2.57
C GLU B 71 -1.28 4.84 -2.49
N PHE B 72 -0.33 4.85 -1.56
CA PHE B 72 0.59 5.96 -1.34
C PHE B 72 1.53 6.08 -2.52
N ILE B 73 2.12 4.94 -2.91
CA ILE B 73 2.94 4.88 -4.12
C ILE B 73 2.18 5.32 -5.35
N ASP B 74 0.92 4.91 -5.50
CA ASP B 74 0.16 5.29 -6.68
CA ASP B 74 0.13 5.29 -6.67
C ASP B 74 -0.10 6.79 -6.74
N ASP B 75 -0.22 7.43 -5.59
CA ASP B 75 -0.41 8.88 -5.56
C ASP B 75 0.85 9.62 -6.00
N ILE B 76 2.00 9.12 -5.57
CA ILE B 76 3.28 9.69 -6.00
C ILE B 76 3.50 9.48 -7.50
N GLU B 77 3.13 8.30 -7.98
CA GLU B 77 3.27 8.02 -9.41
CA GLU B 77 3.22 7.98 -9.41
C GLU B 77 2.31 8.90 -10.23
N LEU B 78 1.13 9.16 -9.68
CA LEU B 78 0.18 10.07 -10.33
C LEU B 78 0.77 11.47 -10.43
N MET B 79 1.46 11.90 -9.38
CA MET B 79 2.10 13.21 -9.36
C MET B 79 3.14 13.36 -10.48
N PHE B 80 3.97 12.33 -10.66
CA PHE B 80 4.95 12.35 -11.74
C PHE B 80 4.29 12.27 -13.11
N SER B 81 3.28 11.42 -13.24
CA SER B 81 2.57 11.27 -14.51
CA SER B 81 2.58 11.27 -14.51
C SER B 81 1.97 12.58 -14.99
N ASN B 82 1.34 13.33 -14.08
CA ASN B 82 0.75 14.63 -14.41
C ASN B 82 1.81 15.62 -14.88
N CYS B 83 2.96 15.60 -14.22
CA CYS B 83 4.05 16.50 -14.57
C CYS B 83 4.52 16.22 -15.98
N PHE B 84 4.80 14.96 -16.28
CA PHE B 84 5.30 14.62 -17.62
C PHE B 84 4.24 14.80 -18.70
N GLU B 85 2.97 14.75 -18.31
CA GLU B 85 1.90 14.95 -19.29
CA GLU B 85 1.89 14.95 -19.28
C GLU B 85 1.81 16.40 -19.70
N TYR B 86 1.93 17.31 -18.73
CA TYR B 86 1.82 18.73 -19.03
C TYR B 86 3.13 19.36 -19.53
N ASN B 87 4.26 18.89 -19.01
CA ASN B 87 5.56 19.50 -19.30
C ASN B 87 6.45 18.64 -20.19
N PRO B 88 6.72 19.10 -21.43
CA PRO B 88 7.55 18.35 -22.38
C PRO B 88 8.97 18.08 -21.87
N ARG B 89 9.63 17.09 -22.49
CA ARG B 89 10.92 16.61 -22.01
C ARG B 89 11.99 17.71 -21.90
N ASN B 90 11.90 18.73 -22.75
CA ASN B 90 12.89 19.80 -22.72
C ASN B 90 12.64 20.90 -21.70
N THR B 91 11.61 20.77 -20.86
CA THR B 91 11.34 21.79 -19.84
C THR B 91 12.11 21.52 -18.55
N SER B 92 12.38 22.58 -17.79
CA SER B 92 13.08 22.40 -16.52
C SER B 92 12.27 21.53 -15.56
N GLU B 93 10.95 21.69 -15.58
CA GLU B 93 10.07 20.84 -14.77
C GLU B 93 10.29 19.35 -15.06
N ALA B 94 10.32 18.99 -16.33
CA ALA B 94 10.43 17.58 -16.69
C ALA B 94 11.82 17.04 -16.35
N LYS B 95 12.84 17.87 -16.54
CA LYS B 95 14.20 17.47 -16.19
C LYS B 95 14.37 17.25 -14.69
N ALA B 96 13.79 18.15 -13.88
CA ALA B 96 13.77 17.97 -12.43
C ALA B 96 12.95 16.74 -12.06
N GLY B 97 11.78 16.61 -12.67
CA GLY B 97 10.91 15.46 -12.41
C GLY B 97 11.59 14.13 -12.69
N THR B 98 12.41 14.11 -13.74
CA THR B 98 13.11 12.88 -14.13
C THR B 98 14.12 12.47 -13.04
N ARG B 99 14.88 13.43 -12.56
CA ARG B 99 15.83 13.16 -11.49
C ARG B 99 15.14 12.79 -10.18
N LEU B 100 14.05 13.49 -9.84
CA LEU B 100 13.38 13.27 -8.56
C LEU B 100 12.70 11.92 -8.59
N GLN B 101 12.22 11.53 -9.76
CA GLN B 101 11.55 10.23 -9.91
C GLN B 101 12.55 9.10 -9.65
N ALA B 102 13.78 9.25 -10.16
CA ALA B 102 14.83 8.28 -9.87
C ALA B 102 15.14 8.21 -8.37
N PHE B 103 15.26 9.38 -7.75
CA PHE B 103 15.51 9.48 -6.32
C PHE B 103 14.39 8.81 -5.52
N PHE B 104 13.14 9.06 -5.94
CA PHE B 104 11.96 8.40 -5.37
C PHE B 104 12.06 6.86 -5.40
N HIS B 105 12.40 6.31 -6.55
CA HIS B 105 12.51 4.85 -6.67
C HIS B 105 13.57 4.27 -5.75
N ILE B 106 14.71 4.96 -5.67
CA ILE B 106 15.84 4.47 -4.90
C ILE B 106 15.56 4.57 -3.41
N GLN B 107 15.04 5.73 -2.99
CA GLN B 107 14.74 5.97 -1.59
C GLN B 107 13.54 5.16 -1.09
N ALA B 108 12.55 4.97 -1.96
CA ALA B 108 11.39 4.15 -1.60
C ALA B 108 11.80 2.72 -1.27
N GLN B 109 12.68 2.15 -2.09
CA GLN B 109 13.11 0.80 -1.83
C GLN B 109 13.89 0.70 -0.53
N LYS B 110 14.73 1.65 -0.25
CA LYS B 110 15.48 1.66 1.01
C LYS B 110 14.55 1.69 2.21
N LEU B 111 13.37 2.26 2.03
CA LEU B 111 12.40 2.43 3.11
C LEU B 111 11.45 1.24 3.24
N GLY B 112 11.65 0.22 2.41
CA GLY B 112 10.80 -0.95 2.41
C GLY B 112 9.51 -0.75 1.64
N LEU B 113 9.52 0.24 0.73
CA LEU B 113 8.38 0.49 -0.13
C LEU B 113 8.74 0.02 -1.53
N HIS B 114 8.15 -1.09 -1.95
CA HIS B 114 8.55 -1.72 -3.20
C HIS B 114 7.71 -1.27 -4.39
N VAL B 115 8.39 -0.71 -5.38
CA VAL B 115 7.76 -0.14 -6.56
C VAL B 115 7.89 -1.07 -7.75
N HIS C 11 -30.01 -7.92 -8.85
CA HIS C 11 -29.82 -8.81 -7.71
C HIS C 11 -28.34 -8.89 -7.32
N GLU C 12 -27.46 -8.93 -8.32
CA GLU C 12 -26.02 -9.06 -8.08
C GLU C 12 -25.51 -8.01 -7.09
N LEU C 13 -25.87 -6.75 -7.32
CA LEU C 13 -25.49 -5.68 -6.42
C LEU C 13 -26.03 -5.93 -5.02
N SER C 14 -27.21 -6.55 -4.96
CA SER C 14 -27.85 -6.88 -3.69
C SER C 14 -27.09 -7.99 -2.99
N ALA C 15 -26.68 -9.00 -3.77
CA ALA C 15 -25.92 -10.12 -3.25
C ALA C 15 -24.61 -9.66 -2.63
N PHE C 16 -23.89 -8.78 -3.33
CA PHE C 16 -22.61 -8.25 -2.84
C PHE C 16 -22.82 -7.67 -1.45
N GLU C 17 -23.81 -6.79 -1.34
CA GLU C 17 -24.11 -6.10 -0.09
C GLU C 17 -24.41 -7.08 1.05
N GLN C 18 -25.31 -8.03 0.81
CA GLN C 18 -25.70 -8.99 1.85
C GLN C 18 -24.54 -9.87 2.30
N LEU C 19 -23.72 -10.31 1.36
CA LEU C 19 -22.60 -11.19 1.66
C LEU C 19 -21.56 -10.51 2.53
N VAL C 20 -21.25 -9.25 2.23
CA VAL C 20 -20.28 -8.52 3.04
C VAL C 20 -20.81 -8.39 4.46
N VAL C 21 -22.07 -8.01 4.59
CA VAL C 21 -22.72 -7.91 5.90
C VAL C 21 -22.68 -9.22 6.68
N GLU C 22 -23.02 -10.33 6.01
CA GLU C 22 -23.01 -11.64 6.67
C GLU C 22 -21.61 -12.09 7.08
N LEU C 23 -20.62 -11.82 6.22
CA LEU C 23 -19.25 -12.19 6.56
C LEU C 23 -18.73 -11.40 7.76
N VAL C 24 -18.98 -10.09 7.76
CA VAL C 24 -18.55 -9.23 8.86
C VAL C 24 -19.15 -9.68 10.20
N ARG C 25 -20.41 -10.11 10.16
CA ARG C 25 -21.15 -10.47 11.37
C ARG C 25 -20.72 -11.83 11.91
N HIS C 26 -20.20 -12.67 11.02
CA HIS C 26 -19.83 -14.04 11.35
C HIS C 26 -18.75 -14.09 12.45
N ASP C 27 -18.86 -15.09 13.33
CA ASP C 27 -17.91 -15.27 14.42
C ASP C 27 -16.46 -15.43 13.96
N ASP C 28 -16.27 -16.00 12.76
CA ASP C 28 -14.94 -16.30 12.26
C ASP C 28 -14.35 -15.17 11.39
N SER C 29 -14.97 -14.00 11.41
CA SER C 29 -14.51 -12.87 10.60
C SER C 29 -13.32 -12.12 11.18
N TRP C 30 -12.95 -12.40 12.43
CA TRP C 30 -11.88 -11.64 13.10
C TRP C 30 -10.50 -11.59 12.39
N PRO C 31 -10.12 -12.64 11.63
CA PRO C 31 -8.83 -12.42 10.96
C PRO C 31 -8.94 -11.47 9.77
N PHE C 32 -10.15 -11.05 9.42
CA PHE C 32 -10.41 -10.48 8.08
C PHE C 32 -11.01 -9.08 8.05
N LEU C 33 -11.27 -8.48 9.21
CA LEU C 33 -12.00 -7.23 9.24
C LEU C 33 -11.18 -6.08 8.68
N LYS C 34 -9.88 -6.17 8.89
CA LYS C 34 -8.98 -5.09 8.52
C LYS C 34 -7.58 -5.63 8.37
N LEU C 35 -6.72 -4.89 7.69
CA LEU C 35 -5.36 -5.33 7.47
C LEU C 35 -4.54 -5.25 8.75
N VAL C 36 -3.61 -6.18 8.89
CA VAL C 36 -2.73 -6.24 10.05
CA VAL C 36 -2.72 -6.27 10.03
C VAL C 36 -1.67 -5.15 10.01
N SER C 37 -1.23 -4.74 11.19
CA SER C 37 -0.19 -3.75 11.36
C SER C 37 1.17 -4.32 11.00
N LYS C 38 1.89 -3.63 10.11
CA LYS C 38 3.22 -4.12 9.74
C LYS C 38 4.18 -4.12 10.92
N ILE C 39 3.92 -3.26 11.90
CA ILE C 39 4.75 -3.18 13.10
C ILE C 39 4.66 -4.47 13.91
N GLN C 40 3.51 -5.12 13.88
CA GLN C 40 3.28 -6.35 14.65
C GLN C 40 3.61 -7.61 13.85
N VAL C 41 3.40 -7.54 12.54
CA VAL C 41 3.53 -8.68 11.66
C VAL C 41 4.39 -8.24 10.46
N PRO C 42 5.71 -8.09 10.69
CA PRO C 42 6.57 -7.39 9.74
C PRO C 42 6.77 -8.13 8.42
N ASP C 43 6.69 -9.45 8.46
CA ASP C 43 6.94 -10.23 7.26
C ASP C 43 5.68 -10.44 6.42
N TYR C 44 4.54 -10.01 6.94
CA TYR C 44 3.26 -10.16 6.24
C TYR C 44 3.32 -9.51 4.87
N TYR C 45 3.88 -8.31 4.81
CA TYR C 45 3.84 -7.53 3.58
C TYR C 45 4.98 -7.88 2.63
N ASP C 46 5.91 -8.72 3.11
CA ASP C 46 6.93 -9.32 2.27
C ASP C 46 6.38 -10.52 1.54
N ILE C 47 5.49 -11.26 2.21
CA ILE C 47 4.93 -12.49 1.67
C ILE C 47 3.66 -12.25 0.85
N ILE C 48 2.78 -11.42 1.38
CA ILE C 48 1.50 -11.12 0.72
C ILE C 48 1.61 -9.92 -0.21
N LYS C 49 1.54 -10.19 -1.52
CA LYS C 49 1.78 -9.17 -2.52
C LYS C 49 0.58 -8.29 -2.81
N LYS C 50 -0.62 -8.82 -2.60
CA LYS C 50 -1.86 -8.07 -2.82
C LYS C 50 -2.78 -8.19 -1.60
N PRO C 51 -2.47 -7.42 -0.54
CA PRO C 51 -3.25 -7.53 0.70
C PRO C 51 -4.65 -7.00 0.47
N ILE C 52 -5.62 -7.59 1.16
CA ILE C 52 -7.00 -7.14 1.11
C ILE C 52 -7.72 -7.64 2.37
N ALA C 53 -8.82 -6.97 2.72
CA ALA C 53 -9.61 -7.32 3.89
C ALA C 53 -11.04 -6.87 3.65
N LEU C 54 -11.94 -7.23 4.55
CA LEU C 54 -13.37 -6.94 4.36
C LEU C 54 -13.68 -5.44 4.36
N ASN C 55 -12.85 -4.65 5.03
CA ASN C 55 -13.10 -3.22 5.02
C ASN C 55 -12.88 -2.60 3.63
N ILE C 56 -11.84 -3.05 2.95
CA ILE C 56 -11.56 -2.63 1.57
C ILE C 56 -12.66 -3.11 0.63
N ILE C 57 -13.10 -4.34 0.80
CA ILE C 57 -14.14 -4.91 -0.04
C ILE C 57 -15.47 -4.18 0.16
N ARG C 58 -15.76 -3.86 1.41
CA ARG C 58 -16.96 -3.09 1.75
C ARG C 58 -16.96 -1.75 1.01
N GLU C 59 -15.82 -1.08 1.01
CA GLU C 59 -15.73 0.22 0.34
C GLU C 59 -15.84 0.11 -1.17
N LYS C 60 -15.26 -0.93 -1.74
CA LYS C 60 -15.39 -1.17 -3.17
C LYS C 60 -16.84 -1.43 -3.55
N VAL C 61 -17.56 -2.14 -2.71
CA VAL C 61 -18.99 -2.34 -2.94
C VAL C 61 -19.73 -1.01 -2.83
N ASN C 62 -19.40 -0.22 -1.82
CA ASN C 62 -20.04 1.08 -1.62
C ASN C 62 -19.78 2.06 -2.77
N LYS C 63 -18.59 1.96 -3.36
CA LYS C 63 -18.20 2.87 -4.43
C LYS C 63 -18.47 2.28 -5.82
N CYS C 64 -19.17 1.15 -5.85
CA CYS C 64 -19.56 0.49 -7.11
C CYS C 64 -18.36 0.19 -8.02
N GLU C 65 -17.28 -0.32 -7.44
CA GLU C 65 -16.08 -0.63 -8.23
C GLU C 65 -16.12 -2.01 -8.87
N TYR C 66 -17.10 -2.83 -8.51
CA TYR C 66 -17.22 -4.17 -9.09
C TYR C 66 -18.13 -4.18 -10.31
N LYS C 67 -17.53 -4.26 -11.49
CA LYS C 67 -18.30 -4.26 -12.73
C LYS C 67 -18.93 -5.62 -13.01
N LEU C 68 -18.25 -6.69 -12.58
CA LEU C 68 -18.74 -8.05 -12.78
C LEU C 68 -18.75 -8.76 -11.44
N ALA C 69 -19.67 -9.71 -11.28
CA ALA C 69 -19.72 -10.50 -10.05
C ALA C 69 -18.41 -11.25 -9.85
N SER C 70 -17.79 -11.65 -10.96
CA SER C 70 -16.51 -12.38 -10.92
C SER C 70 -15.41 -11.58 -10.22
N GLU C 71 -15.48 -10.26 -10.33
CA GLU C 71 -14.51 -9.39 -9.69
C GLU C 71 -14.69 -9.35 -8.18
N PHE C 72 -15.94 -9.41 -7.74
CA PHE C 72 -16.24 -9.41 -6.31
C PHE C 72 -15.83 -10.77 -5.74
N ILE C 73 -16.17 -11.83 -6.44
CA ILE C 73 -15.82 -13.17 -6.00
C ILE C 73 -14.30 -13.33 -5.91
N ASP C 74 -13.59 -12.77 -6.88
CA ASP C 74 -12.13 -12.90 -6.86
C ASP C 74 -11.47 -12.19 -5.67
N ASP C 75 -12.01 -11.05 -5.27
CA ASP C 75 -11.44 -10.29 -4.16
C ASP C 75 -11.63 -11.05 -2.86
N ILE C 76 -12.79 -11.69 -2.69
CA ILE C 76 -13.03 -12.54 -1.53
C ILE C 76 -12.11 -13.77 -1.55
N GLU C 77 -11.96 -14.41 -2.70
CA GLU C 77 -11.10 -15.58 -2.78
C GLU C 77 -9.65 -15.20 -2.53
N LEU C 78 -9.25 -14.02 -3.02
CA LEU C 78 -7.92 -13.48 -2.75
C LEU C 78 -7.69 -13.30 -1.24
N MET C 79 -8.69 -12.75 -0.56
CA MET C 79 -8.61 -12.58 0.89
C MET C 79 -8.34 -13.92 1.59
N PHE C 80 -9.05 -14.96 1.17
CA PHE C 80 -8.81 -16.27 1.77
C PHE C 80 -7.45 -16.83 1.37
N SER C 81 -7.07 -16.65 0.10
CA SER C 81 -5.78 -17.11 -0.39
CA SER C 81 -5.78 -17.13 -0.38
C SER C 81 -4.64 -16.54 0.44
N ASN C 82 -4.73 -15.25 0.75
CA ASN C 82 -3.68 -14.59 1.52
C ASN C 82 -3.59 -15.16 2.91
N CYS C 83 -4.75 -15.43 3.51
CA CYS C 83 -4.81 -16.02 4.84
C CYS C 83 -4.06 -17.35 4.87
N PHE C 84 -4.37 -18.22 3.91
CA PHE C 84 -3.77 -19.55 3.91
C PHE C 84 -2.32 -19.51 3.46
N GLU C 85 -1.94 -18.50 2.69
CA GLU C 85 -0.54 -18.36 2.29
C GLU C 85 0.32 -18.00 3.52
N TYR C 86 -0.20 -17.11 4.35
CA TYR C 86 0.57 -16.63 5.50
C TYR C 86 0.48 -17.54 6.71
N ASN C 87 -0.71 -18.08 6.98
CA ASN C 87 -0.94 -18.87 8.20
C ASN C 87 -1.01 -20.37 7.94
N PRO C 88 -0.11 -21.13 8.58
CA PRO C 88 -0.05 -22.61 8.47
C PRO C 88 -1.41 -23.28 8.75
N ARG C 89 -1.68 -24.39 8.08
CA ARG C 89 -2.95 -25.12 8.20
C ARG C 89 -3.44 -25.31 9.64
N ASN C 90 -2.49 -25.49 10.56
CA ASN C 90 -2.81 -25.81 11.94
C ASN C 90 -2.83 -24.59 12.86
N THR C 91 -3.35 -23.47 12.36
CA THR C 91 -3.38 -22.25 13.16
C THR C 91 -4.82 -21.74 13.34
N SER C 92 -5.02 -20.92 14.37
CA SER C 92 -6.36 -20.42 14.69
C SER C 92 -6.92 -19.58 13.54
N GLU C 93 -6.05 -18.77 12.93
CA GLU C 93 -6.46 -17.95 11.81
C GLU C 93 -6.88 -18.81 10.64
N ALA C 94 -6.06 -19.80 10.30
CA ALA C 94 -6.35 -20.65 9.14
C ALA C 94 -7.64 -21.44 9.35
N LYS C 95 -7.89 -21.86 10.58
CA LYS C 95 -9.10 -22.62 10.88
C LYS C 95 -10.35 -21.75 10.80
N ALA C 96 -10.26 -20.53 11.29
CA ALA C 96 -11.34 -19.55 11.16
C ALA C 96 -11.59 -19.24 9.69
N GLY C 97 -10.50 -19.07 8.95
CA GLY C 97 -10.57 -18.82 7.52
C GLY C 97 -11.23 -19.97 6.79
N THR C 98 -10.87 -21.18 7.17
CA THR C 98 -11.48 -22.38 6.58
C THR C 98 -13.00 -22.39 6.77
N ARG C 99 -13.45 -22.10 7.99
CA ARG C 99 -14.89 -22.06 8.27
C ARG C 99 -15.60 -20.90 7.59
N LEU C 100 -14.98 -19.72 7.58
CA LEU C 100 -15.61 -18.56 6.96
C LEU C 100 -15.75 -18.73 5.44
N GLN C 101 -14.76 -19.35 4.81
CA GLN C 101 -14.76 -19.54 3.36
C GLN C 101 -15.85 -20.51 2.94
N ALA C 102 -16.05 -21.57 3.73
CA ALA C 102 -17.12 -22.51 3.44
C ALA C 102 -18.47 -21.81 3.57
N PHE C 103 -18.61 -21.03 4.64
CA PHE C 103 -19.78 -20.20 4.82
C PHE C 103 -20.01 -19.28 3.61
N PHE C 104 -18.94 -18.60 3.17
CA PHE C 104 -19.01 -17.72 2.01
C PHE C 104 -19.52 -18.46 0.77
N HIS C 105 -18.95 -19.63 0.51
CA HIS C 105 -19.34 -20.39 -0.68
C HIS C 105 -20.82 -20.80 -0.64
N ILE C 106 -21.26 -21.27 0.51
CA ILE C 106 -22.63 -21.76 0.64
C ILE C 106 -23.63 -20.61 0.51
N GLN C 107 -23.34 -19.49 1.18
CA GLN C 107 -24.22 -18.32 1.09
C GLN C 107 -24.22 -17.69 -0.31
N ALA C 108 -23.04 -17.58 -0.93
CA ALA C 108 -22.95 -16.97 -2.25
C ALA C 108 -23.80 -17.72 -3.27
N GLN C 109 -23.80 -19.05 -3.18
CA GLN C 109 -24.60 -19.85 -4.11
C GLN C 109 -26.08 -19.65 -3.88
N LYS C 110 -26.47 -19.44 -2.62
CA LYS C 110 -27.85 -19.16 -2.27
C LYS C 110 -28.32 -17.81 -2.81
N LEU C 111 -27.40 -16.88 -2.99
N LEU C 111 -27.41 -16.87 -2.96
CA LEU C 111 -27.74 -15.57 -3.49
CA LEU C 111 -27.73 -15.55 -3.50
C LEU C 111 -27.59 -15.51 -4.98
C LEU C 111 -27.56 -15.50 -4.98
N GLY C 112 -27.21 -16.62 -5.56
CA GLY C 112 -27.16 -16.73 -7.01
C GLY C 112 -25.84 -16.38 -7.67
N LEU C 113 -24.78 -16.25 -6.88
CA LEU C 113 -23.45 -16.02 -7.46
C LEU C 113 -22.82 -17.32 -7.95
N HIS C 114 -21.94 -17.22 -8.94
CA HIS C 114 -21.33 -18.42 -9.53
C HIS C 114 -19.91 -18.65 -9.03
N VAL C 115 -19.78 -19.46 -7.99
CA VAL C 115 -18.49 -19.70 -7.35
C VAL C 115 -17.89 -21.08 -7.63
N THR C 116 -18.65 -21.94 -8.30
CA THR C 116 -18.19 -23.31 -8.60
C THR C 116 -17.77 -23.45 -10.06
N SER D 14 31.54 -0.35 -19.25
CA SER D 14 31.11 -1.73 -19.04
C SER D 14 29.79 -1.72 -18.30
N ALA D 15 29.53 -0.64 -17.56
CA ALA D 15 28.26 -0.45 -16.88
C ALA D 15 27.13 -0.39 -17.89
N PHE D 16 27.36 0.33 -18.99
CA PHE D 16 26.38 0.43 -20.08
C PHE D 16 25.98 -0.98 -20.53
N GLU D 17 27.00 -1.76 -20.92
CA GLU D 17 26.80 -3.14 -21.36
C GLU D 17 25.98 -3.93 -20.35
N GLN D 18 26.39 -3.85 -19.09
CA GLN D 18 25.74 -4.62 -18.03
C GLN D 18 24.28 -4.24 -17.84
N LEU D 19 24.01 -2.93 -17.77
CA LEU D 19 22.65 -2.45 -17.60
C LEU D 19 21.72 -2.89 -18.73
N VAL D 20 22.21 -2.82 -19.96
CA VAL D 20 21.43 -3.27 -21.12
C VAL D 20 21.09 -4.75 -20.97
N VAL D 21 22.09 -5.54 -20.59
CA VAL D 21 21.89 -6.97 -20.37
C VAL D 21 20.82 -7.22 -19.32
N GLU D 22 20.90 -6.49 -18.21
CA GLU D 22 19.95 -6.66 -17.10
C GLU D 22 18.53 -6.28 -17.49
N LEU D 23 18.39 -5.19 -18.24
CA LEU D 23 17.06 -4.75 -18.67
C LEU D 23 16.42 -5.78 -19.59
N VAL D 24 17.18 -6.23 -20.57
CA VAL D 24 16.66 -7.19 -21.55
C VAL D 24 16.16 -8.48 -20.89
N ARG D 25 16.87 -8.95 -19.86
CA ARG D 25 16.53 -10.22 -19.24
C ARG D 25 15.40 -10.12 -18.23
N HIS D 26 15.06 -8.89 -17.85
CA HIS D 26 14.02 -8.62 -16.88
C HIS D 26 12.66 -9.01 -17.45
N ASP D 27 11.77 -9.51 -16.59
CA ASP D 27 10.44 -9.93 -17.01
C ASP D 27 9.61 -8.82 -17.67
N ASP D 28 9.83 -7.59 -17.26
CA ASP D 28 9.01 -6.47 -17.72
C ASP D 28 9.60 -5.76 -18.95
N SER D 29 10.59 -6.37 -19.60
CA SER D 29 11.23 -5.77 -20.76
C SER D 29 10.42 -5.90 -22.05
N TRP D 30 9.37 -6.72 -22.03
CA TRP D 30 8.57 -7.00 -23.24
C TRP D 30 8.00 -5.77 -24.00
N PRO D 31 7.66 -4.66 -23.31
CA PRO D 31 7.23 -3.57 -24.18
C PRO D 31 8.40 -2.85 -24.89
N PHE D 32 9.63 -3.22 -24.57
CA PHE D 32 10.78 -2.37 -24.90
C PHE D 32 11.87 -3.02 -25.73
N LEU D 33 11.69 -4.27 -26.13
CA LEU D 33 12.75 -4.99 -26.80
C LEU D 33 13.02 -4.45 -28.21
N LYS D 34 11.97 -3.98 -28.86
CA LYS D 34 12.08 -3.52 -30.24
C LYS D 34 10.90 -2.61 -30.54
N LEU D 35 11.02 -1.82 -31.61
CA LEU D 35 9.94 -0.90 -31.94
C LEU D 35 8.71 -1.61 -32.46
N VAL D 36 7.55 -1.02 -32.19
CA VAL D 36 6.27 -1.58 -32.65
CA VAL D 36 6.27 -1.55 -32.64
C VAL D 36 6.08 -1.37 -34.16
N SER D 37 5.34 -2.28 -34.78
CA SER D 37 5.01 -2.19 -36.20
C SER D 37 3.99 -1.09 -36.44
N LYS D 38 4.27 -0.21 -37.38
CA LYS D 38 3.37 0.89 -37.65
C LYS D 38 2.05 0.42 -38.23
N ILE D 39 2.08 -0.76 -38.85
CA ILE D 39 0.87 -1.38 -39.41
C ILE D 39 -0.11 -1.79 -38.31
N GLN D 40 0.40 -2.17 -37.14
CA GLN D 40 -0.43 -2.60 -36.02
C GLN D 40 -0.82 -1.45 -35.12
N VAL D 41 0.07 -0.46 -35.03
CA VAL D 41 -0.11 0.66 -34.12
C VAL D 41 0.18 1.96 -34.89
N PRO D 42 -0.76 2.36 -35.75
CA PRO D 42 -0.52 3.41 -36.75
C PRO D 42 -0.17 4.74 -36.10
N ASP D 43 -0.93 5.10 -35.08
CA ASP D 43 -0.78 6.44 -34.52
C ASP D 43 0.46 6.59 -33.65
N TYR D 44 1.13 5.47 -33.37
CA TYR D 44 2.32 5.51 -32.53
C TYR D 44 3.36 6.49 -33.04
N TYR D 45 3.58 6.49 -34.35
CA TYR D 45 4.63 7.29 -34.95
C TYR D 45 4.19 8.72 -35.27
N ASP D 46 2.88 8.96 -35.12
CA ASP D 46 2.34 10.32 -35.16
C ASP D 46 2.57 11.01 -33.83
N ILE D 47 2.55 10.24 -32.75
CA ILE D 47 2.62 10.78 -31.39
C ILE D 47 4.04 10.79 -30.82
N ILE D 48 4.77 9.71 -31.06
CA ILE D 48 6.13 9.55 -30.56
C ILE D 48 7.15 10.05 -31.59
N LYS D 49 7.75 11.19 -31.28
CA LYS D 49 8.61 11.92 -32.20
C LYS D 49 10.01 11.32 -32.34
N LYS D 50 10.52 10.73 -31.28
CA LYS D 50 11.85 10.12 -31.31
C LYS D 50 11.77 8.72 -30.72
N PRO D 51 11.30 7.76 -31.53
CA PRO D 51 11.14 6.39 -31.04
C PRO D 51 12.49 5.77 -30.72
N ILE D 52 12.51 4.89 -29.73
CA ILE D 52 13.72 4.18 -29.34
C ILE D 52 13.33 2.89 -28.60
N ALA D 53 14.22 1.91 -28.60
CA ALA D 53 13.98 0.66 -27.88
C ALA D 53 15.31 0.07 -27.45
N LEU D 54 15.28 -1.02 -26.69
CA LEU D 54 16.51 -1.62 -26.17
C LEU D 54 17.46 -2.15 -27.26
N ASN D 55 16.90 -2.57 -28.39
CA ASN D 55 17.76 -3.05 -29.46
C ASN D 55 18.63 -1.94 -30.05
N ILE D 56 18.03 -0.76 -30.18
CA ILE D 56 18.75 0.43 -30.68
C ILE D 56 19.79 0.88 -29.67
N ILE D 57 19.41 0.90 -28.40
CA ILE D 57 20.35 1.27 -27.35
C ILE D 57 21.50 0.26 -27.23
N ARG D 58 21.19 -1.03 -27.37
CA ARG D 58 22.23 -2.06 -27.29
C ARG D 58 23.25 -1.85 -28.41
N GLU D 59 22.75 -1.53 -29.59
CA GLU D 59 23.62 -1.30 -30.73
C GLU D 59 24.49 -0.06 -30.56
N LYS D 60 23.93 1.00 -29.99
CA LYS D 60 24.70 2.20 -29.75
C LYS D 60 25.80 1.93 -28.72
N VAL D 61 25.51 1.08 -27.75
CA VAL D 61 26.52 0.68 -26.78
C VAL D 61 27.62 -0.11 -27.49
N ASN D 62 27.22 -1.11 -28.27
CA ASN D 62 28.16 -1.94 -29.02
C ASN D 62 28.98 -1.15 -30.03
N LYS D 63 28.41 -0.08 -30.57
CA LYS D 63 29.09 0.77 -31.54
C LYS D 63 29.84 1.93 -30.89
N CYS D 64 29.91 1.91 -29.56
CA CYS D 64 30.59 2.94 -28.79
C CYS D 64 30.14 4.36 -29.12
N GLU D 65 28.84 4.54 -29.29
CA GLU D 65 28.30 5.83 -29.68
C GLU D 65 28.03 6.78 -28.51
N TYR D 66 27.97 6.24 -27.31
CA TYR D 66 27.78 7.06 -26.11
C TYR D 66 29.10 7.57 -25.57
N LYS D 67 29.30 8.89 -25.65
CA LYS D 67 30.54 9.51 -25.20
C LYS D 67 30.46 9.89 -23.74
N LEU D 68 29.24 10.08 -23.24
CA LEU D 68 29.02 10.44 -21.85
C LEU D 68 27.93 9.56 -21.25
N ALA D 69 28.04 9.27 -19.95
CA ALA D 69 27.03 8.44 -19.29
C ALA D 69 25.67 9.11 -19.36
N SER D 70 25.67 10.44 -19.30
CA SER D 70 24.43 11.20 -19.41
C SER D 70 23.72 10.96 -20.73
N GLU D 71 24.48 10.64 -21.78
CA GLU D 71 23.88 10.35 -23.08
C GLU D 71 23.17 9.00 -23.07
N PHE D 72 23.77 8.03 -22.40
CA PHE D 72 23.17 6.71 -22.28
C PHE D 72 21.94 6.79 -21.39
N ILE D 73 22.05 7.55 -20.30
CA ILE D 73 20.92 7.69 -19.38
C ILE D 73 19.74 8.38 -20.07
N ASP D 74 20.01 9.40 -20.86
CA ASP D 74 18.94 10.13 -21.56
CA ASP D 74 18.92 10.11 -21.54
C ASP D 74 18.17 9.22 -22.52
N ASP D 75 18.88 8.34 -23.22
CA ASP D 75 18.24 7.43 -24.16
C ASP D 75 17.31 6.43 -23.45
N ILE D 76 17.72 5.90 -22.31
CA ILE D 76 16.89 5.03 -21.49
CA ILE D 76 16.89 5.03 -21.49
CA ILE D 76 16.84 5.06 -21.54
C ILE D 76 15.66 5.84 -20.97
N GLU D 77 15.90 7.02 -20.48
CA GLU D 77 14.78 7.80 -19.94
C GLU D 77 13.80 8.15 -21.06
N LEU D 78 14.34 8.46 -22.23
CA LEU D 78 13.49 8.70 -23.40
C LEU D 78 12.60 7.50 -23.70
N MET D 79 13.19 6.30 -23.70
CA MET D 79 12.42 5.08 -23.94
C MET D 79 11.22 5.01 -22.99
N PHE D 80 11.48 5.30 -21.72
CA PHE D 80 10.39 5.23 -20.76
C PHE D 80 9.38 6.35 -21.01
N SER D 81 9.87 7.55 -21.27
CA SER D 81 8.99 8.69 -21.55
CA SER D 81 9.00 8.69 -21.56
C SER D 81 8.03 8.41 -22.69
N ASN D 82 8.53 7.74 -23.74
CA ASN D 82 7.69 7.42 -24.89
C ASN D 82 6.60 6.44 -24.52
N CYS D 83 6.97 5.45 -23.70
CA CYS D 83 6.01 4.45 -23.23
C CYS D 83 4.85 5.13 -22.49
N PHE D 84 5.19 6.05 -21.59
CA PHE D 84 4.17 6.68 -20.77
C PHE D 84 3.39 7.73 -21.54
N GLU D 85 3.98 8.24 -22.63
CA GLU D 85 3.28 9.20 -23.46
C GLU D 85 2.21 8.51 -24.30
N TYR D 86 2.53 7.33 -24.81
CA TYR D 86 1.60 6.62 -25.66
C TYR D 86 0.59 5.78 -24.87
N ASN D 87 1.05 5.11 -23.82
CA ASN D 87 0.19 4.20 -23.06
C ASN D 87 -0.29 4.85 -21.75
N PRO D 88 -1.62 4.98 -21.59
CA PRO D 88 -2.21 5.57 -20.39
C PRO D 88 -1.85 4.82 -19.08
N ARG D 89 -1.95 5.51 -17.95
CA ARG D 89 -1.56 4.97 -16.64
C ARG D 89 -2.09 3.58 -16.35
N ASN D 90 -3.36 3.33 -16.69
CA ASN D 90 -4.01 2.07 -16.36
C ASN D 90 -3.90 1.01 -17.44
N THR D 91 -2.69 0.77 -17.94
CA THR D 91 -2.47 -0.25 -18.96
C THR D 91 -1.32 -1.17 -18.59
N SER D 92 -1.33 -2.37 -19.16
CA SER D 92 -0.30 -3.35 -18.86
C SER D 92 1.08 -2.86 -19.31
N GLU D 93 1.11 -2.17 -20.46
CA GLU D 93 2.35 -1.61 -20.98
C GLU D 93 2.93 -0.62 -19.99
N ALA D 94 2.09 0.28 -19.49
CA ALA D 94 2.52 1.32 -18.57
C ALA D 94 2.97 0.74 -17.24
N LYS D 95 2.26 -0.28 -16.76
CA LYS D 95 2.61 -0.96 -15.51
C LYS D 95 3.98 -1.62 -15.57
N ALA D 96 4.24 -2.34 -16.66
CA ALA D 96 5.53 -2.99 -16.86
C ALA D 96 6.63 -1.94 -16.96
N GLY D 97 6.36 -0.86 -17.68
CA GLY D 97 7.29 0.24 -17.81
C GLY D 97 7.65 0.87 -16.47
N THR D 98 6.63 1.10 -15.65
CA THR D 98 6.85 1.64 -14.29
C THR D 98 7.79 0.77 -13.47
N ARG D 99 7.56 -0.54 -13.49
CA ARG D 99 8.43 -1.48 -12.77
C ARG D 99 9.84 -1.56 -13.35
N LEU D 100 9.97 -1.65 -14.67
CA LEU D 100 11.29 -1.72 -15.29
C LEU D 100 12.11 -0.45 -15.04
N GLN D 101 11.43 0.70 -15.03
CA GLN D 101 12.11 1.99 -14.80
C GLN D 101 12.67 2.11 -13.38
N ALA D 102 11.90 1.62 -12.42
CA ALA D 102 12.35 1.61 -11.03
C ALA D 102 13.57 0.70 -10.91
N PHE D 103 13.49 -0.48 -11.53
CA PHE D 103 14.60 -1.41 -11.61
C PHE D 103 15.81 -0.74 -12.25
N PHE D 104 15.59 -0.04 -13.36
CA PHE D 104 16.69 0.67 -14.03
C PHE D 104 17.37 1.65 -13.08
N HIS D 105 16.58 2.46 -12.38
CA HIS D 105 17.15 3.50 -11.53
C HIS D 105 18.01 2.93 -10.41
N ILE D 106 17.47 1.90 -9.78
CA ILE D 106 18.15 1.24 -8.68
C ILE D 106 19.45 0.58 -9.14
N GLN D 107 19.39 -0.15 -10.25
CA GLN D 107 20.57 -0.85 -10.77
C GLN D 107 21.62 0.10 -11.31
N ALA D 108 21.18 1.17 -11.99
CA ALA D 108 22.11 2.14 -12.57
C ALA D 108 22.91 2.83 -11.46
N GLN D 109 22.22 3.11 -10.36
CA GLN D 109 22.84 3.68 -9.17
C GLN D 109 23.89 2.74 -8.59
N LYS D 110 23.57 1.45 -8.56
CA LYS D 110 24.49 0.44 -8.04
C LYS D 110 25.79 0.39 -8.84
N LEU D 111 25.69 0.65 -10.14
CA LEU D 111 26.85 0.57 -11.03
C LEU D 111 27.59 1.89 -11.17
N GLY D 112 27.16 2.89 -10.42
CA GLY D 112 27.86 4.16 -10.37
C GLY D 112 27.29 5.28 -11.23
N LEU D 113 26.29 4.96 -12.04
CA LEU D 113 25.66 5.97 -12.87
C LEU D 113 24.80 6.93 -12.05
N HIS D 114 24.84 8.20 -12.41
CA HIS D 114 24.09 9.23 -11.68
C HIS D 114 22.76 9.54 -12.37
N VAL D 115 21.68 9.07 -11.77
CA VAL D 115 20.35 9.28 -12.35
C VAL D 115 19.46 10.17 -11.48
N THR D 116 19.96 10.61 -10.33
CA THR D 116 19.17 11.43 -9.40
C THR D 116 19.60 12.89 -9.39
N1 EPE E . -1.00 -0.39 7.44
C2 EPE E . -1.75 0.87 7.58
C3 EPE E . -2.59 0.90 8.85
N4 EPE E . -3.42 -0.28 8.95
C5 EPE E . -2.74 -1.54 8.74
C6 EPE E . -1.92 -1.55 7.47
C7 EPE E . -4.46 -0.25 9.99
C8 EPE E . -5.56 -1.28 9.79
O8 EPE E . -6.70 -0.67 9.20
C9 EPE E . -0.34 -0.36 6.12
C10 EPE E . 0.74 -1.43 6.05
S EPE E . 1.84 -1.19 4.64
O1S EPE E . 1.11 -1.36 3.39
O2S EPE E . 2.40 0.15 4.72
O3S EPE E . 2.92 -2.18 4.69
N1 EPE F . 9.29 -0.19 -38.44
C2 EPE F . 9.28 -0.22 -36.97
C3 EPE F . 9.23 -1.68 -36.51
N4 EPE F . 10.18 -2.55 -37.18
C5 EPE F . 10.31 -2.39 -38.61
C6 EPE F . 10.47 -0.91 -38.94
C7 EPE F . 10.33 -3.92 -36.69
C8 EPE F . 10.80 -4.01 -35.24
O8 EPE F . 12.18 -4.34 -35.22
C9 EPE F . 9.38 1.17 -38.98
C10 EPE F . 8.39 2.13 -38.32
S EPE F . 8.49 3.73 -39.15
O1S EPE F . 8.70 3.50 -40.59
O2S EPE F . 9.60 4.52 -38.61
O3S EPE F . 7.25 4.48 -38.97
#